data_1B1Y
#
_entry.id   1B1Y
#
_cell.length_a   72.110
_cell.length_b   72.110
_cell.length_c   250.510
_cell.angle_alpha   90.00
_cell.angle_beta   90.00
_cell.angle_gamma   90.00
#
_symmetry.space_group_name_H-M   'P 43 21 2'
#
loop_
_entity.id
_entity.type
_entity.pdbx_description
1 polymer 'PROTEIN (BETA-AMYLASE)'
2 branched alpha-D-glucopyranose-(1-4)-beta-D-glucopyranose
3 non-polymer beta-D-glucopyranose
4 water water
#
_entity_poly.entity_id   1
_entity_poly.type   'polypeptide(L)'
_entity_poly.pdbx_seq_one_letter_code
;MKGNYVQVYVMLPLDAVSVNNRFEKGDELRAQLRKLVEAGVDGVMVDVWWGLVEGKGPKAYDWSAYKQLFELVQKAGLKL
QAIMSFHQCGGNVGDAVNIPIPQWVRDVGTRDPDIFYTDGHGTRNIEYLTLGVDNQPLFHGRSAVQMYADYMTSFRENMK
DFLDAGVIVDIEVGLGPAGELRYPSYPQSHGWSFPGIGEFICYDKYLQADFKAAAAAVGHPEWEFPNDAGQYNDTPERTQ
FFRDNGTYLSEKGRFFLAWYSNNLIKHGDRILDEANKVFLGYKVQLAIKIAGVHWWYKVPSHAAELTAGYYNLHDRDGYR
TIARMLKRHRASINFTCAEMRDSEQPPDAMSAPEELVQQVLSAGWREGLNVSCENALPRYDPTAYNTILRNARPHGINQS
GPPEHKLFGFTYLRLSNQLVEGQNYVNFKTFVDRMHANLPRDPYVDPMAPLPRSGPEISIEMILQAAQPKIQPFPFQEHT
DLPVGPTGGMGGQAEGPTCG
;
_entity_poly.pdbx_strand_id   A
#
loop_
_chem_comp.id
_chem_comp.type
_chem_comp.name
_chem_comp.formula
BGC D-saccharide, beta linking beta-D-glucopyranose 'C6 H12 O6'
GLC D-saccharide, alpha linking alpha-D-glucopyranose 'C6 H12 O6'
#
# COMPACT_ATOMS: atom_id res chain seq x y z
N MET A 1 13.36 19.20 -19.57
CA MET A 1 12.64 19.14 -18.29
C MET A 1 12.26 17.73 -17.86
N LYS A 2 12.54 16.76 -18.73
CA LYS A 2 12.24 15.34 -18.56
C LYS A 2 12.64 14.66 -17.26
N GLY A 3 13.73 15.15 -16.64
CA GLY A 3 14.20 14.60 -15.39
C GLY A 3 13.17 14.80 -14.31
N ASN A 4 12.33 15.82 -14.47
CA ASN A 4 11.29 16.14 -13.52
C ASN A 4 9.94 15.47 -13.81
N TYR A 5 9.84 14.64 -14.85
CA TYR A 5 8.63 13.92 -15.21
C TYR A 5 8.32 12.82 -14.19
N VAL A 6 7.11 12.97 -13.61
CA VAL A 6 6.53 12.04 -12.64
C VAL A 6 5.24 11.51 -13.27
N GLN A 7 5.28 10.18 -13.40
CA GLN A 7 4.20 9.44 -13.98
C GLN A 7 2.94 9.42 -13.12
N VAL A 8 1.81 9.64 -13.79
CA VAL A 8 0.51 9.63 -13.15
C VAL A 8 -0.19 8.36 -13.60
N TYR A 9 -0.86 7.70 -12.65
CA TYR A 9 -1.60 6.48 -12.87
C TYR A 9 -2.96 6.66 -12.19
N VAL A 10 -4.04 6.14 -12.74
CA VAL A 10 -5.31 6.28 -12.07
C VAL A 10 -5.67 4.90 -11.56
N MET A 11 -6.43 4.76 -10.48
CA MET A 11 -6.76 3.43 -10.03
C MET A 11 -8.15 3.17 -10.56
N LEU A 12 -8.33 2.02 -11.24
CA LEU A 12 -9.61 1.63 -11.81
C LEU A 12 -10.65 1.34 -10.73
N PRO A 13 -11.97 1.34 -11.07
CA PRO A 13 -13.04 1.03 -10.12
C PRO A 13 -12.70 -0.20 -9.34
N LEU A 14 -13.13 -0.34 -8.09
CA LEU A 14 -12.79 -1.53 -7.33
C LEU A 14 -13.20 -2.83 -8.02
N ASP A 15 -14.19 -2.63 -8.89
CA ASP A 15 -14.72 -3.70 -9.67
C ASP A 15 -14.48 -3.44 -11.15
N ALA A 16 -13.21 -3.36 -11.63
CA ALA A 16 -12.97 -3.15 -13.07
C ALA A 16 -13.60 -4.40 -13.70
N VAL A 17 -13.32 -5.61 -13.16
CA VAL A 17 -14.00 -6.78 -13.68
C VAL A 17 -14.89 -7.07 -12.48
N SER A 18 -16.21 -7.17 -12.75
CA SER A 18 -17.26 -7.40 -11.77
C SER A 18 -17.09 -8.35 -10.59
N VAL A 19 -18.10 -8.50 -9.73
CA VAL A 19 -18.03 -9.34 -8.55
C VAL A 19 -17.97 -10.86 -8.68
N ASN A 20 -17.86 -11.37 -9.91
CA ASN A 20 -17.81 -12.83 -10.15
C ASN A 20 -17.12 -13.21 -11.46
N ASN A 21 -15.94 -12.60 -11.56
CA ASN A 21 -15.01 -12.74 -12.66
C ASN A 21 -15.61 -12.53 -14.05
N ARG A 22 -16.63 -11.68 -14.16
CA ARG A 22 -17.25 -11.42 -15.43
C ARG A 22 -16.92 -10.01 -15.85
N PHE A 23 -16.03 -9.79 -16.82
CA PHE A 23 -15.73 -8.43 -17.23
C PHE A 23 -16.95 -7.91 -17.93
N GLU A 24 -17.66 -7.02 -17.24
CA GLU A 24 -18.90 -6.45 -17.76
C GLU A 24 -18.87 -5.03 -18.27
N LYS A 25 -18.46 -4.10 -17.40
CA LYS A 25 -18.43 -2.68 -17.73
C LYS A 25 -17.47 -2.16 -18.77
N GLY A 26 -17.01 -3.07 -19.64
CA GLY A 26 -16.09 -2.79 -20.71
C GLY A 26 -16.35 -1.58 -21.56
N ASP A 27 -17.59 -1.28 -21.96
CA ASP A 27 -17.84 -0.10 -22.80
C ASP A 27 -17.77 1.20 -22.02
N GLU A 28 -18.16 1.09 -20.76
CA GLU A 28 -18.13 2.22 -19.87
C GLU A 28 -16.67 2.56 -19.67
N LEU A 29 -15.90 1.54 -19.33
CA LEU A 29 -14.48 1.63 -19.06
C LEU A 29 -13.71 2.09 -20.29
N ARG A 30 -14.22 1.72 -21.45
CA ARG A 30 -13.60 2.07 -22.71
C ARG A 30 -13.70 3.58 -22.90
N ALA A 31 -14.86 4.13 -22.50
CA ALA A 31 -15.12 5.56 -22.61
C ALA A 31 -14.43 6.34 -21.49
N GLN A 32 -14.36 5.68 -20.31
CA GLN A 32 -13.72 6.24 -19.12
C GLN A 32 -12.21 6.22 -19.30
N LEU A 33 -11.61 5.27 -20.04
CA LEU A 33 -10.16 5.26 -20.23
C LEU A 33 -9.76 6.06 -21.44
N ARG A 34 -10.74 6.64 -22.15
CA ARG A 34 -10.57 7.47 -23.33
C ARG A 34 -10.08 8.87 -22.91
N LYS A 35 -10.79 9.52 -21.96
CA LYS A 35 -10.46 10.85 -21.42
C LYS A 35 -9.16 10.84 -20.61
N LEU A 36 -8.92 9.75 -19.88
CA LEU A 36 -7.73 9.56 -19.07
C LEU A 36 -6.46 9.66 -19.89
N VAL A 37 -6.51 9.29 -21.15
CA VAL A 37 -5.29 9.38 -21.90
C VAL A 37 -5.29 10.75 -22.56
N GLU A 38 -6.47 11.38 -22.70
CA GLU A 38 -6.54 12.73 -23.27
C GLU A 38 -5.96 13.69 -22.22
N ALA A 39 -6.05 13.23 -20.97
CA ALA A 39 -5.54 13.92 -19.81
C ALA A 39 -4.04 13.69 -19.82
N GLY A 40 -3.60 12.64 -20.51
CA GLY A 40 -2.19 12.34 -20.63
C GLY A 40 -1.71 11.39 -19.59
N VAL A 41 -2.63 10.63 -18.97
CA VAL A 41 -2.25 9.68 -17.93
C VAL A 41 -1.31 8.63 -18.51
N ASP A 42 -0.25 8.32 -17.75
CA ASP A 42 0.74 7.33 -18.10
C ASP A 42 0.29 5.87 -18.12
N GLY A 43 -0.59 5.50 -17.17
CA GLY A 43 -1.11 4.15 -17.05
C GLY A 43 -2.19 4.02 -15.99
N VAL A 44 -2.66 2.79 -15.66
CA VAL A 44 -3.70 2.56 -14.64
C VAL A 44 -3.35 1.43 -13.66
N MET A 45 -4.10 1.24 -12.58
CA MET A 45 -3.80 0.20 -11.61
C MET A 45 -5.02 -0.59 -11.17
N VAL A 46 -5.03 -1.90 -11.30
CA VAL A 46 -6.22 -2.62 -10.88
C VAL A 46 -5.80 -3.72 -9.97
N ASP A 47 -6.76 -4.12 -9.16
CA ASP A 47 -6.57 -5.23 -8.25
C ASP A 47 -6.82 -6.47 -9.06
N VAL A 48 -6.10 -7.53 -8.75
CA VAL A 48 -6.24 -8.83 -9.40
C VAL A 48 -6.67 -9.63 -8.18
N TRP A 49 -7.98 -9.57 -7.85
CA TRP A 49 -8.51 -10.23 -6.68
C TRP A 49 -8.38 -11.73 -6.61
N TRP A 50 -7.71 -12.16 -5.55
CA TRP A 50 -7.50 -13.56 -5.31
C TRP A 50 -8.83 -14.26 -5.17
N GLY A 51 -9.82 -13.57 -4.62
CA GLY A 51 -11.14 -14.15 -4.43
C GLY A 51 -11.88 -14.29 -5.75
N LEU A 52 -11.49 -13.58 -6.81
CA LEU A 52 -12.18 -13.78 -8.05
C LEU A 52 -11.55 -14.94 -8.81
N VAL A 53 -10.24 -14.88 -9.06
CA VAL A 53 -9.50 -15.91 -9.79
C VAL A 53 -9.47 -17.27 -9.03
N GLU A 54 -8.61 -17.75 -8.14
CA GLU A 54 -8.73 -19.08 -7.51
C GLU A 54 -9.92 -19.22 -6.55
N GLY A 55 -11.06 -18.52 -6.77
CA GLY A 55 -12.24 -18.61 -5.91
C GLY A 55 -12.91 -19.98 -5.89
N LYS A 56 -13.00 -20.50 -7.11
CA LYS A 56 -13.60 -21.80 -7.36
C LYS A 56 -12.85 -22.98 -6.80
N GLY A 57 -11.58 -22.89 -6.42
CA GLY A 57 -10.89 -24.07 -5.88
C GLY A 57 -9.37 -23.96 -5.85
N PRO A 58 -8.66 -24.84 -5.13
CA PRO A 58 -7.21 -25.00 -5.24
C PRO A 58 -6.77 -25.10 -6.69
N LYS A 59 -5.88 -24.17 -7.03
CA LYS A 59 -5.26 -24.03 -8.32
C LYS A 59 -6.21 -23.89 -9.52
N ALA A 60 -7.50 -23.63 -9.25
CA ALA A 60 -8.50 -23.46 -10.30
C ALA A 60 -8.54 -21.97 -10.69
N TYR A 61 -7.52 -21.52 -11.44
CA TYR A 61 -7.45 -20.12 -11.85
C TYR A 61 -8.24 -19.67 -13.08
N ASP A 62 -9.07 -18.62 -12.92
CA ASP A 62 -9.85 -18.08 -14.01
C ASP A 62 -9.48 -16.63 -14.29
N TRP A 63 -8.51 -16.57 -15.19
CA TRP A 63 -7.96 -15.30 -15.64
C TRP A 63 -8.76 -14.60 -16.70
N SER A 64 -9.83 -15.24 -17.15
CA SER A 64 -10.67 -14.72 -18.21
C SER A 64 -11.17 -13.30 -18.17
N ALA A 65 -11.84 -12.84 -17.11
CA ALA A 65 -12.28 -11.45 -17.12
C ALA A 65 -11.08 -10.53 -17.12
N TYR A 66 -10.05 -11.01 -16.41
CA TYR A 66 -8.83 -10.25 -16.32
C TYR A 66 -8.02 -10.21 -17.61
N LYS A 67 -8.08 -11.19 -18.53
CA LYS A 67 -7.28 -11.08 -19.74
C LYS A 67 -7.91 -10.04 -20.65
N GLN A 68 -9.24 -9.98 -20.58
CA GLN A 68 -10.06 -9.05 -21.35
C GLN A 68 -9.87 -7.61 -20.88
N LEU A 69 -9.81 -7.39 -19.55
CA LEU A 69 -9.65 -6.04 -18.98
C LEU A 69 -8.33 -5.49 -19.42
N PHE A 70 -7.25 -6.26 -19.25
CA PHE A 70 -5.93 -5.82 -19.63
C PHE A 70 -5.84 -5.64 -21.14
N GLU A 71 -6.73 -6.32 -21.86
CA GLU A 71 -6.77 -6.19 -23.30
C GLU A 71 -7.19 -4.75 -23.61
N LEU A 72 -8.22 -4.28 -22.89
CA LEU A 72 -8.75 -2.94 -23.04
C LEU A 72 -7.68 -1.90 -22.78
N VAL A 73 -6.93 -2.10 -21.70
CA VAL A 73 -5.84 -1.21 -21.29
C VAL A 73 -4.72 -1.07 -22.31
N GLN A 74 -4.28 -2.23 -22.83
CA GLN A 74 -3.21 -2.33 -23.81
C GLN A 74 -3.57 -1.60 -25.07
N LYS A 75 -4.87 -1.72 -25.36
CA LYS A 75 -5.47 -1.11 -26.53
C LYS A 75 -5.51 0.38 -26.31
N ALA A 76 -5.81 0.85 -25.08
CA ALA A 76 -5.80 2.29 -24.76
C ALA A 76 -4.39 2.87 -24.77
N GLY A 77 -3.36 1.98 -24.70
CA GLY A 77 -1.93 2.33 -24.72
C GLY A 77 -1.31 2.62 -23.37
N LEU A 78 -2.05 2.21 -22.35
CA LEU A 78 -1.67 2.43 -20.98
C LEU A 78 -0.75 1.43 -20.30
N LYS A 79 0.11 1.93 -19.40
CA LYS A 79 0.96 1.05 -18.62
C LYS A 79 0.05 0.48 -17.54
N LEU A 80 0.34 -0.66 -16.95
CA LEU A 80 -0.56 -1.22 -15.97
C LEU A 80 0.19 -1.69 -14.75
N GLN A 81 -0.37 -1.31 -13.62
CA GLN A 81 0.18 -1.69 -12.36
C GLN A 81 -0.93 -2.59 -11.90
N ALA A 82 -0.53 -3.81 -11.62
CA ALA A 82 -1.48 -4.80 -11.16
C ALA A 82 -1.19 -5.07 -9.71
N ILE A 83 -2.22 -5.20 -8.86
CA ILE A 83 -2.05 -5.47 -7.44
C ILE A 83 -2.42 -6.91 -7.18
N MET A 84 -1.48 -7.75 -6.74
CA MET A 84 -1.77 -9.14 -6.41
C MET A 84 -2.63 -9.10 -5.15
N SER A 85 -3.92 -8.87 -5.31
CA SER A 85 -4.81 -8.73 -4.19
C SER A 85 -5.37 -9.88 -3.38
N PHE A 86 -4.50 -10.44 -2.52
CA PHE A 86 -4.84 -11.54 -1.61
C PHE A 86 -5.70 -11.11 -0.43
N HIS A 87 -6.55 -10.07 -0.54
CA HIS A 87 -7.40 -9.54 0.54
C HIS A 87 -8.83 -9.17 0.19
N GLN A 88 -9.70 -9.10 1.19
CA GLN A 88 -11.08 -8.78 0.97
C GLN A 88 -11.34 -7.33 0.72
N CYS A 89 -12.18 -7.12 -0.28
CA CYS A 89 -12.67 -5.83 -0.72
C CYS A 89 -13.95 -5.74 0.07
N GLY A 90 -14.10 -4.73 0.89
CA GLY A 90 -15.27 -4.59 1.72
C GLY A 90 -14.76 -4.62 3.14
N GLY A 91 -15.02 -3.55 3.88
CA GLY A 91 -14.60 -3.41 5.28
C GLY A 91 -13.91 -2.07 5.57
N ASN A 92 -13.20 -1.61 4.56
CA ASN A 92 -12.44 -0.37 4.66
C ASN A 92 -13.19 0.81 4.06
N VAL A 93 -12.52 1.99 4.07
CA VAL A 93 -13.14 3.16 3.49
C VAL A 93 -12.90 3.11 2.01
N GLY A 94 -14.06 3.40 1.43
CA GLY A 94 -14.20 3.48 0.00
C GLY A 94 -14.57 2.16 -0.63
N ASP A 95 -14.75 1.08 0.16
CA ASP A 95 -15.10 -0.23 -0.38
C ASP A 95 -16.58 -0.48 -0.61
N ALA A 96 -16.99 -0.21 -1.87
CA ALA A 96 -18.37 -0.36 -2.33
C ALA A 96 -18.71 -1.78 -2.80
N VAL A 97 -17.75 -2.35 -3.54
CA VAL A 97 -17.86 -3.69 -4.06
C VAL A 97 -17.39 -4.59 -2.93
N ASN A 98 -17.87 -5.83 -2.92
CA ASN A 98 -17.49 -6.70 -1.86
C ASN A 98 -17.03 -8.01 -2.41
N ILE A 99 -15.71 -8.18 -2.35
CA ILE A 99 -15.07 -9.39 -2.86
C ILE A 99 -14.27 -10.09 -1.76
N PRO A 100 -14.70 -11.14 -1.05
CA PRO A 100 -13.98 -11.78 0.06
C PRO A 100 -12.86 -12.64 -0.46
N ILE A 101 -12.09 -13.22 0.46
CA ILE A 101 -11.04 -14.08 -0.03
C ILE A 101 -11.70 -15.38 -0.47
N PRO A 102 -11.04 -16.31 -1.21
CA PRO A 102 -11.57 -17.57 -1.67
C PRO A 102 -12.45 -18.33 -0.70
N GLN A 103 -13.63 -18.75 -1.13
CA GLN A 103 -14.56 -19.47 -0.26
C GLN A 103 -13.96 -20.76 0.27
N TRP A 104 -13.10 -21.45 -0.51
CA TRP A 104 -12.50 -22.66 0.01
C TRP A 104 -11.49 -22.40 1.11
N VAL A 105 -10.89 -21.20 1.19
CA VAL A 105 -9.93 -20.82 2.22
C VAL A 105 -10.78 -20.48 3.44
N ARG A 106 -11.86 -19.75 3.17
CA ARG A 106 -12.71 -19.36 4.26
C ARG A 106 -13.28 -20.62 4.87
N ASP A 107 -13.43 -21.71 4.09
CA ASP A 107 -13.94 -22.96 4.62
C ASP A 107 -12.90 -23.61 5.50
N VAL A 108 -11.59 -23.44 5.19
CA VAL A 108 -10.52 -23.99 6.03
C VAL A 108 -10.63 -23.36 7.41
N GLY A 109 -10.88 -22.03 7.34
CA GLY A 109 -11.04 -21.18 8.50
C GLY A 109 -12.12 -21.63 9.46
N THR A 110 -13.19 -22.24 8.94
CA THR A 110 -14.28 -22.73 9.77
C THR A 110 -13.68 -23.76 10.72
N ARG A 111 -12.80 -24.64 10.19
CA ARG A 111 -12.14 -25.69 10.96
C ARG A 111 -11.08 -25.12 11.88
N ASP A 112 -10.28 -24.16 11.35
CA ASP A 112 -9.27 -23.52 12.17
C ASP A 112 -9.44 -22.00 12.08
N PRO A 113 -10.07 -21.40 13.09
CA PRO A 113 -10.37 -19.96 13.19
C PRO A 113 -9.15 -19.06 13.21
N ASP A 114 -8.04 -19.60 13.77
CA ASP A 114 -6.72 -18.97 13.91
C ASP A 114 -5.94 -18.71 12.65
N ILE A 115 -6.58 -18.80 11.49
CA ILE A 115 -5.95 -18.55 10.21
C ILE A 115 -6.22 -17.12 9.82
N PHE A 116 -7.08 -16.43 10.57
CA PHE A 116 -7.43 -15.02 10.33
C PHE A 116 -6.90 -14.22 11.54
N TYR A 117 -6.45 -12.94 11.38
CA TYR A 117 -5.94 -12.14 12.50
C TYR A 117 -6.98 -12.07 13.57
N THR A 118 -6.62 -12.32 14.83
CA THR A 118 -7.60 -12.30 15.91
C THR A 118 -7.33 -11.27 17.01
N ASP A 119 -8.31 -10.41 17.36
CA ASP A 119 -8.04 -9.45 18.40
C ASP A 119 -8.16 -10.11 19.75
N GLY A 120 -7.98 -9.30 20.78
CA GLY A 120 -8.02 -9.71 22.17
C GLY A 120 -9.29 -10.34 22.68
N HIS A 121 -10.42 -9.91 22.09
CA HIS A 121 -11.74 -10.43 22.43
C HIS A 121 -11.92 -11.79 21.76
N GLY A 122 -11.17 -12.02 20.67
CA GLY A 122 -11.21 -13.26 19.92
C GLY A 122 -12.02 -13.11 18.65
N THR A 123 -12.03 -11.92 18.09
CA THR A 123 -12.77 -11.66 16.89
C THR A 123 -11.91 -11.91 15.70
N ARG A 124 -12.50 -12.72 14.86
CA ARG A 124 -11.90 -13.15 13.63
C ARG A 124 -12.11 -12.24 12.43
N ASN A 125 -10.98 -11.68 11.98
CA ASN A 125 -11.00 -10.80 10.83
C ASN A 125 -10.58 -11.59 9.60
N ILE A 126 -11.70 -11.84 8.90
CA ILE A 126 -11.80 -12.60 7.66
C ILE A 126 -11.17 -12.03 6.41
N GLU A 127 -10.65 -10.80 6.47
CA GLU A 127 -10.09 -10.18 5.27
C GLU A 127 -8.70 -10.42 4.77
N TYR A 128 -7.89 -11.10 5.59
CA TYR A 128 -6.54 -11.40 5.24
C TYR A 128 -6.14 -12.51 6.17
N LEU A 129 -5.27 -13.35 5.62
CA LEU A 129 -4.76 -14.51 6.35
C LEU A 129 -3.65 -14.14 7.31
N THR A 130 -3.74 -14.48 8.59
CA THR A 130 -2.70 -14.15 9.57
C THR A 130 -1.30 -14.49 9.13
N LEU A 131 -0.32 -13.64 9.43
CA LEU A 131 1.04 -13.95 9.03
C LEU A 131 1.59 -15.15 9.76
N GLY A 132 0.89 -15.67 10.77
CA GLY A 132 1.32 -16.85 11.50
C GLY A 132 1.26 -18.11 10.65
N VAL A 133 0.28 -18.21 9.74
CA VAL A 133 0.13 -19.36 8.87
C VAL A 133 0.86 -19.26 7.52
N ASP A 134 1.81 -18.32 7.45
CA ASP A 134 2.58 -18.14 6.23
C ASP A 134 3.24 -19.43 5.84
N ASN A 135 3.91 -19.98 6.82
CA ASN A 135 4.60 -21.22 6.64
C ASN A 135 3.86 -22.37 7.30
N GLN A 136 2.54 -22.30 7.46
CA GLN A 136 1.80 -23.41 8.03
C GLN A 136 1.09 -24.05 6.85
N PRO A 137 1.34 -25.32 6.50
CA PRO A 137 0.82 -25.96 5.28
C PRO A 137 -0.60 -26.48 5.55
N LEU A 138 -1.58 -25.59 5.68
CA LEU A 138 -2.89 -26.10 6.01
C LEU A 138 -4.02 -25.80 5.08
N PHE A 139 -3.65 -25.36 3.91
CA PHE A 139 -4.63 -25.07 2.87
C PHE A 139 -4.56 -26.25 1.92
N HIS A 140 -4.95 -27.43 2.46
CA HIS A 140 -4.95 -28.70 1.73
C HIS A 140 -3.53 -28.96 1.16
N GLY A 141 -2.60 -29.06 2.14
CA GLY A 141 -1.15 -29.30 1.91
C GLY A 141 -0.35 -28.14 1.32
N ARG A 142 -0.92 -26.96 1.33
CA ARG A 142 -0.25 -25.79 0.81
C ARG A 142 -0.26 -24.76 1.95
N SER A 143 0.89 -24.10 2.12
CA SER A 143 1.01 -23.07 3.15
C SER A 143 0.56 -21.76 2.53
N ALA A 144 0.30 -20.73 3.32
CA ALA A 144 -0.16 -19.51 2.71
C ALA A 144 0.80 -18.87 1.76
N VAL A 145 2.12 -18.88 1.92
CA VAL A 145 2.98 -18.21 0.92
C VAL A 145 3.16 -19.11 -0.29
N GLN A 146 2.87 -20.39 -0.14
CA GLN A 146 2.98 -21.28 -1.27
C GLN A 146 1.83 -20.90 -2.17
N MET A 147 0.68 -20.68 -1.52
CA MET A 147 -0.56 -20.28 -2.16
C MET A 147 -0.42 -18.93 -2.86
N TYR A 148 0.26 -17.99 -2.18
CA TYR A 148 0.48 -16.63 -2.67
C TYR A 148 1.40 -16.63 -3.88
N ALA A 149 2.43 -17.48 -3.83
CA ALA A 149 3.42 -17.66 -4.89
C ALA A 149 2.80 -18.45 -6.03
N ASP A 150 1.98 -19.48 -5.81
CA ASP A 150 1.39 -20.20 -6.94
C ASP A 150 0.41 -19.24 -7.59
N TYR A 151 -0.27 -18.38 -6.81
CA TYR A 151 -1.19 -17.43 -7.42
C TYR A 151 -0.40 -16.48 -8.30
N MET A 152 0.79 -16.05 -7.93
CA MET A 152 1.53 -15.15 -8.80
C MET A 152 2.22 -15.85 -9.96
N THR A 153 2.65 -17.13 -9.86
CA THR A 153 3.31 -17.85 -10.96
C THR A 153 2.33 -18.00 -12.10
N SER A 154 1.08 -18.33 -11.71
CA SER A 154 -0.03 -18.50 -12.65
C SER A 154 -0.39 -17.22 -13.36
N PHE A 155 -0.23 -16.11 -12.66
CA PHE A 155 -0.52 -14.80 -13.22
C PHE A 155 0.51 -14.55 -14.29
N ARG A 156 1.77 -14.96 -14.08
CA ARG A 156 2.82 -14.74 -15.07
C ARG A 156 2.58 -15.61 -16.30
N GLU A 157 2.29 -16.89 -16.07
CA GLU A 157 2.07 -17.79 -17.20
C GLU A 157 0.94 -17.32 -18.05
N ASN A 158 -0.18 -16.95 -17.46
CA ASN A 158 -1.33 -16.49 -18.22
C ASN A 158 -1.27 -15.07 -18.79
N MET A 159 -0.52 -14.13 -18.18
CA MET A 159 -0.45 -12.74 -18.64
C MET A 159 0.80 -12.32 -19.38
N LYS A 160 1.62 -13.31 -19.72
CA LYS A 160 2.87 -13.19 -20.42
C LYS A 160 2.87 -12.22 -21.61
N ASP A 161 1.84 -12.28 -22.44
CA ASP A 161 1.76 -11.41 -23.59
C ASP A 161 1.77 -9.95 -23.17
N PHE A 162 1.09 -9.64 -22.05
CA PHE A 162 1.06 -8.28 -21.52
C PHE A 162 2.39 -8.00 -20.83
N LEU A 163 3.06 -8.97 -20.21
CA LEU A 163 4.32 -8.74 -19.54
C LEU A 163 5.50 -8.56 -20.45
N ASP A 164 5.33 -9.02 -21.68
CA ASP A 164 6.38 -8.95 -22.68
C ASP A 164 6.41 -7.65 -23.44
N ALA A 165 5.19 -7.27 -23.88
CA ALA A 165 4.98 -6.05 -24.62
C ALA A 165 5.22 -4.79 -23.77
N GLY A 166 5.26 -5.00 -22.44
CA GLY A 166 5.50 -3.93 -21.50
C GLY A 166 4.25 -3.17 -21.12
N VAL A 167 3.12 -3.85 -20.98
CA VAL A 167 1.89 -3.19 -20.56
C VAL A 167 1.96 -3.31 -19.04
N ILE A 168 2.26 -4.50 -18.48
CA ILE A 168 2.37 -4.63 -17.05
C ILE A 168 3.82 -4.28 -16.73
N VAL A 169 3.92 -3.12 -16.04
CA VAL A 169 5.17 -2.48 -15.57
C VAL A 169 5.40 -2.55 -14.06
N ASP A 170 4.38 -2.90 -13.29
CA ASP A 170 4.54 -2.97 -11.87
C ASP A 170 3.59 -3.97 -11.22
N ILE A 171 4.14 -4.89 -10.43
CA ILE A 171 3.35 -5.88 -9.70
C ILE A 171 3.34 -5.37 -8.27
N GLU A 172 2.20 -5.21 -7.59
CA GLU A 172 2.20 -4.72 -6.23
C GLU A 172 1.68 -5.82 -5.34
N VAL A 173 2.61 -6.65 -4.90
CA VAL A 173 2.17 -7.76 -4.06
C VAL A 173 1.57 -7.29 -2.74
N GLY A 174 0.26 -7.52 -2.55
CA GLY A 174 -0.46 -7.15 -1.33
C GLY A 174 -0.03 -8.04 -0.18
N LEU A 175 0.14 -7.54 1.07
CA LEU A 175 0.57 -8.32 2.24
C LEU A 175 -0.27 -8.12 3.51
N GLY A 176 -1.41 -7.50 3.38
CA GLY A 176 -2.27 -7.29 4.52
C GLY A 176 -3.56 -6.65 4.04
N PRO A 177 -4.37 -6.10 4.95
CA PRO A 177 -5.63 -5.43 4.68
C PRO A 177 -5.40 -4.35 3.65
N ALA A 178 -6.33 -4.21 2.70
CA ALA A 178 -6.23 -3.25 1.60
C ALA A 178 -4.98 -3.46 0.76
N GLY A 179 -4.25 -4.54 1.05
CA GLY A 179 -3.03 -4.95 0.36
C GLY A 179 -1.82 -4.23 0.89
N GLU A 180 -1.95 -3.90 2.17
CA GLU A 180 -0.90 -3.15 2.77
C GLU A 180 -0.18 -3.92 3.81
N LEU A 181 1.14 -3.75 3.87
CA LEU A 181 1.91 -4.42 4.88
C LEU A 181 1.55 -3.87 6.24
N ARG A 182 0.71 -4.53 7.03
CA ARG A 182 0.29 -4.02 8.34
C ARG A 182 -0.67 -4.95 9.01
N TYR A 183 -1.20 -4.62 10.19
CA TYR A 183 -2.17 -5.46 10.88
C TYR A 183 -3.53 -4.82 10.74
N PRO A 184 -4.70 -5.50 10.83
CA PRO A 184 -6.04 -4.90 10.76
C PRO A 184 -6.48 -4.29 12.10
N SER A 185 -5.63 -3.34 12.51
CA SER A 185 -5.72 -2.59 13.76
C SER A 185 -6.81 -1.54 13.87
N TYR A 186 -7.30 -1.11 12.71
CA TYR A 186 -8.35 -0.13 12.66
C TYR A 186 -9.42 -0.64 11.72
N PRO A 187 -10.22 -1.61 12.18
CA PRO A 187 -11.18 -2.28 11.35
C PRO A 187 -12.51 -1.63 11.58
N GLN A 188 -12.96 -0.86 10.58
CA GLN A 188 -14.25 -0.17 10.66
C GLN A 188 -15.39 -1.15 10.92
N SER A 189 -15.08 -2.37 10.47
CA SER A 189 -15.90 -3.57 10.56
C SER A 189 -16.12 -3.89 12.03
N HIS A 190 -15.07 -3.88 12.86
CA HIS A 190 -15.23 -4.20 14.27
C HIS A 190 -15.54 -3.04 15.19
N GLY A 191 -16.06 -1.93 14.65
CA GLY A 191 -16.44 -0.79 15.48
C GLY A 191 -15.33 0.04 16.11
N TRP A 192 -14.40 0.36 15.23
CA TRP A 192 -13.27 1.22 15.51
C TRP A 192 -13.72 2.41 14.71
N SER A 193 -13.31 3.59 15.13
CA SER A 193 -13.68 4.81 14.43
C SER A 193 -12.47 5.72 14.61
N PHE A 194 -12.16 6.50 13.58
CA PHE A 194 -11.05 7.42 13.63
C PHE A 194 -11.39 8.51 14.67
N PRO A 195 -10.43 8.97 15.50
CA PRO A 195 -9.02 8.67 15.40
C PRO A 195 -8.53 7.65 16.39
N GLY A 196 -9.41 6.76 16.84
CA GLY A 196 -9.08 5.72 17.81
C GLY A 196 -7.70 5.10 17.69
N ILE A 197 -7.15 4.64 18.82
CA ILE A 197 -5.82 4.06 18.76
C ILE A 197 -5.73 2.69 18.12
N GLY A 198 -6.83 1.94 18.14
CA GLY A 198 -6.82 0.61 17.57
C GLY A 198 -6.33 -0.41 18.59
N GLU A 199 -6.14 -1.68 18.20
CA GLU A 199 -5.66 -2.70 19.14
C GLU A 199 -4.55 -3.54 18.57
N PHE A 200 -3.97 -4.39 19.40
CA PHE A 200 -2.93 -5.25 18.88
C PHE A 200 -3.62 -6.51 18.38
N ILE A 201 -3.49 -6.71 17.06
CA ILE A 201 -4.12 -7.85 16.42
C ILE A 201 -3.15 -9.00 16.36
N CYS A 202 -2.87 -9.64 17.51
CA CYS A 202 -1.92 -10.75 17.48
C CYS A 202 -2.23 -11.92 18.39
N TYR A 203 -3.52 -12.15 18.59
CA TYR A 203 -3.99 -13.20 19.43
C TYR A 203 -4.27 -14.56 18.81
N ASP A 204 -4.24 -14.84 17.49
CA ASP A 204 -4.49 -16.20 16.99
C ASP A 204 -3.46 -17.20 17.49
N LYS A 205 -3.74 -18.49 17.67
CA LYS A 205 -2.76 -19.40 18.23
C LYS A 205 -1.40 -19.54 17.57
N TYR A 206 -1.23 -19.16 16.29
CA TYR A 206 0.06 -19.27 15.65
C TYR A 206 1.01 -18.18 16.13
N LEU A 207 0.59 -16.90 16.11
CA LEU A 207 1.40 -15.76 16.57
C LEU A 207 1.42 -15.75 18.09
N GLN A 208 0.29 -16.22 18.65
CA GLN A 208 0.14 -16.29 20.09
C GLN A 208 1.21 -17.20 20.64
N ALA A 209 1.66 -18.14 19.80
CA ALA A 209 2.72 -19.09 20.11
C ALA A 209 4.11 -18.65 19.59
N ASP A 210 4.16 -17.81 18.54
CA ASP A 210 5.43 -17.35 18.02
C ASP A 210 5.96 -16.56 19.18
N PHE A 211 5.17 -15.60 19.69
CA PHE A 211 5.56 -14.77 20.81
C PHE A 211 5.96 -15.56 22.04
N LYS A 212 5.19 -16.51 22.61
CA LYS A 212 5.66 -17.20 23.81
C LYS A 212 6.95 -17.90 23.59
N ALA A 213 7.16 -18.44 22.39
CA ALA A 213 8.43 -19.11 22.12
C ALA A 213 9.51 -18.05 22.13
N ALA A 214 9.24 -16.85 21.59
CA ALA A 214 10.19 -15.71 21.53
C ALA A 214 10.51 -15.09 22.89
N ALA A 215 9.54 -15.15 23.79
CA ALA A 215 9.61 -14.62 25.13
C ALA A 215 10.61 -15.40 25.95
N ALA A 216 10.53 -16.72 25.82
CA ALA A 216 11.39 -17.63 26.55
C ALA A 216 12.79 -17.60 26.00
N ALA A 217 12.95 -17.20 24.74
CA ALA A 217 14.24 -17.11 24.10
C ALA A 217 15.10 -16.08 24.79
N VAL A 218 14.48 -14.98 25.23
CA VAL A 218 15.20 -13.93 25.91
C VAL A 218 15.17 -14.05 27.42
N GLY A 219 14.87 -15.25 27.88
CA GLY A 219 14.80 -15.50 29.30
C GLY A 219 13.46 -15.12 29.93
N HIS A 220 12.50 -14.52 29.24
CA HIS A 220 11.26 -14.19 29.93
C HIS A 220 9.97 -14.93 29.51
N PRO A 221 9.86 -16.27 29.68
CA PRO A 221 8.70 -17.07 29.31
C PRO A 221 7.38 -16.58 29.83
N GLU A 222 7.51 -16.08 31.05
CA GLU A 222 6.41 -15.55 31.83
C GLU A 222 5.58 -14.44 31.19
N TRP A 223 6.27 -13.64 30.39
CA TRP A 223 5.70 -12.49 29.70
C TRP A 223 4.52 -12.76 28.80
N GLU A 224 3.54 -11.88 28.84
CA GLU A 224 2.35 -11.99 28.04
C GLU A 224 2.17 -10.71 27.22
N PHE A 225 1.03 -10.58 26.55
CA PHE A 225 0.73 -9.40 25.76
C PHE A 225 0.31 -8.21 26.66
N PRO A 226 0.41 -6.97 26.20
CA PRO A 226 -0.01 -5.79 26.90
C PRO A 226 -1.43 -5.80 27.46
N ASN A 227 -1.57 -5.95 28.76
CA ASN A 227 -2.88 -5.95 29.43
C ASN A 227 -3.55 -4.55 29.45
N ASP A 228 -2.67 -3.56 29.48
CA ASP A 228 -2.99 -2.14 29.57
C ASP A 228 -3.06 -1.33 28.29
N ALA A 229 -3.21 -1.97 27.12
CA ALA A 229 -3.27 -1.17 25.90
C ALA A 229 -4.63 -0.67 25.56
N GLY A 230 -5.66 -0.80 26.40
CA GLY A 230 -6.97 -0.28 26.04
C GLY A 230 -7.79 -1.05 25.00
N GLN A 231 -8.52 -0.26 24.20
CA GLN A 231 -9.43 -0.73 23.15
C GLN A 231 -9.34 0.13 21.91
N TYR A 232 -9.99 -0.30 20.83
CA TYR A 232 -10.01 0.37 19.55
C TYR A 232 -10.22 1.85 19.50
N ASN A 233 -11.21 2.25 20.28
CA ASN A 233 -11.50 3.65 20.29
C ASN A 233 -10.96 4.49 21.40
N ASP A 234 -9.98 3.99 22.17
CA ASP A 234 -9.41 4.81 23.19
C ASP A 234 -8.47 5.80 22.53
N THR A 235 -8.00 6.67 23.42
CA THR A 235 -7.06 7.73 23.09
C THR A 235 -5.84 7.43 23.98
N PRO A 236 -4.56 7.71 23.65
CA PRO A 236 -3.36 7.24 24.37
C PRO A 236 -3.35 7.38 25.87
N GLU A 237 -3.81 8.60 26.28
CA GLU A 237 -3.95 9.08 27.67
C GLU A 237 -4.73 8.15 28.58
N ARG A 238 -5.81 7.63 28.00
CA ARG A 238 -6.74 6.68 28.58
C ARG A 238 -6.13 5.31 28.86
N THR A 239 -5.08 4.89 28.17
CA THR A 239 -4.48 3.59 28.41
C THR A 239 -3.17 3.72 29.16
N GLN A 240 -2.82 2.70 29.95
CA GLN A 240 -1.57 2.73 30.70
C GLN A 240 -0.41 2.34 29.77
N PHE A 241 -0.66 1.73 28.62
CA PHE A 241 0.43 1.35 27.76
C PHE A 241 0.95 2.48 26.90
N PHE A 242 0.02 3.24 26.31
CA PHE A 242 0.36 4.34 25.42
C PHE A 242 0.44 5.74 25.97
N ARG A 243 0.24 5.83 27.29
CA ARG A 243 0.27 7.06 28.08
C ARG A 243 1.71 7.54 28.24
N ASP A 244 2.02 8.85 28.23
CA ASP A 244 3.39 9.40 28.39
C ASP A 244 4.10 8.66 29.49
N ASN A 245 5.24 8.06 29.20
CA ASN A 245 5.98 7.27 30.19
C ASN A 245 5.23 6.04 30.65
N GLY A 246 4.53 5.45 29.67
CA GLY A 246 3.74 4.25 29.88
C GLY A 246 4.52 2.97 29.59
N THR A 247 3.85 1.80 29.69
CA THR A 247 4.49 0.52 29.45
C THR A 247 5.04 0.36 28.04
N TYR A 248 4.72 1.23 27.07
CA TYR A 248 5.30 1.10 25.76
C TYR A 248 6.83 1.32 25.76
N LEU A 249 7.31 1.87 26.86
CA LEU A 249 8.72 2.15 27.07
C LEU A 249 9.44 1.17 27.97
N SER A 250 8.67 0.27 28.60
CA SER A 250 9.23 -0.72 29.51
C SER A 250 9.87 -1.86 28.74
N GLU A 251 10.73 -2.69 29.37
CA GLU A 251 11.38 -3.81 28.68
C GLU A 251 10.36 -4.78 28.07
N LYS A 252 9.30 -5.08 28.80
CA LYS A 252 8.24 -5.97 28.38
C LYS A 252 7.55 -5.37 27.16
N GLY A 253 7.29 -4.06 27.14
CA GLY A 253 6.63 -3.39 26.03
C GLY A 253 7.55 -3.05 24.86
N ARG A 254 8.85 -2.92 25.00
CA ARG A 254 9.73 -2.61 23.88
C ARG A 254 9.96 -3.87 23.08
N PHE A 255 10.03 -4.99 23.83
CA PHE A 255 10.21 -6.34 23.30
C PHE A 255 9.02 -6.78 22.48
N PHE A 256 7.84 -6.56 23.02
CA PHE A 256 6.61 -6.89 22.41
C PHE A 256 6.48 -6.20 21.09
N LEU A 257 6.76 -4.91 21.14
CA LEU A 257 6.66 -4.05 19.98
C LEU A 257 7.70 -4.37 18.94
N ALA A 258 8.85 -4.87 19.39
CA ALA A 258 9.91 -5.25 18.48
C ALA A 258 9.40 -6.49 17.77
N TRP A 259 8.86 -7.48 18.49
CA TRP A 259 8.31 -8.72 17.95
C TRP A 259 7.26 -8.47 16.89
N TYR A 260 6.15 -7.86 17.34
CA TYR A 260 4.99 -7.49 16.56
C TYR A 260 5.37 -6.75 15.29
N SER A 261 6.21 -5.75 15.40
CA SER A 261 6.61 -5.02 14.23
C SER A 261 7.56 -5.84 13.37
N ASN A 262 8.33 -6.80 13.90
CA ASN A 262 9.26 -7.58 13.09
C ASN A 262 8.58 -8.63 12.24
N ASN A 263 7.48 -9.16 12.78
CA ASN A 263 6.65 -10.15 12.12
C ASN A 263 6.22 -9.64 10.76
N LEU A 264 5.84 -8.36 10.66
CA LEU A 264 5.46 -7.74 9.41
C LEU A 264 6.62 -7.58 8.45
N ILE A 265 7.83 -7.42 8.95
CA ILE A 265 8.98 -7.26 8.09
C ILE A 265 9.19 -8.58 7.40
N LYS A 266 9.32 -9.58 8.27
CA LYS A 266 9.53 -10.97 7.91
C LYS A 266 8.49 -11.52 6.97
N HIS A 267 7.22 -11.19 7.20
CA HIS A 267 6.12 -11.65 6.38
C HIS A 267 6.40 -11.11 5.00
N GLY A 268 6.55 -9.79 4.91
CA GLY A 268 6.80 -9.13 3.65
C GLY A 268 8.08 -9.59 3.01
N ASP A 269 9.04 -10.05 3.78
CA ASP A 269 10.31 -10.48 3.23
C ASP A 269 10.05 -11.75 2.50
N ARG A 270 9.56 -12.76 3.22
CA ARG A 270 9.25 -14.07 2.67
C ARG A 270 8.49 -14.01 1.36
N ILE A 271 7.34 -13.36 1.34
CA ILE A 271 6.49 -13.27 0.16
C ILE A 271 7.13 -12.49 -0.97
N LEU A 272 8.03 -11.56 -0.65
CA LEU A 272 8.64 -10.80 -1.71
C LEU A 272 9.76 -11.55 -2.35
N ASP A 273 10.31 -12.51 -1.59
CA ASP A 273 11.41 -13.35 -2.05
C ASP A 273 10.93 -14.12 -3.24
N GLU A 274 9.73 -14.68 -2.99
CA GLU A 274 8.96 -15.51 -3.90
C GLU A 274 8.47 -14.64 -5.06
N ALA A 275 7.66 -13.57 -4.90
CA ALA A 275 7.24 -12.74 -6.03
C ALA A 275 8.43 -12.35 -6.91
N ASN A 276 9.61 -12.21 -6.27
CA ASN A 276 10.81 -11.88 -6.99
C ASN A 276 11.24 -13.12 -7.75
N LYS A 277 11.26 -14.35 -7.19
CA LYS A 277 11.71 -15.44 -8.06
C LYS A 277 10.64 -15.89 -9.02
N VAL A 278 9.48 -15.26 -9.06
CA VAL A 278 8.40 -15.58 -9.98
C VAL A 278 8.57 -14.64 -11.16
N PHE A 279 8.61 -13.33 -10.90
CA PHE A 279 8.78 -12.31 -11.92
C PHE A 279 10.22 -12.05 -12.32
N LEU A 280 11.10 -12.86 -11.75
CA LEU A 280 12.53 -12.86 -12.01
C LEU A 280 12.90 -12.86 -13.46
N GLY A 281 13.27 -11.70 -13.94
CA GLY A 281 13.66 -11.63 -15.32
C GLY A 281 12.78 -10.75 -16.13
N TYR A 282 11.73 -10.19 -15.51
CA TYR A 282 10.79 -9.33 -16.21
C TYR A 282 10.96 -7.84 -16.12
N LYS A 283 10.52 -7.15 -17.17
CA LYS A 283 10.58 -5.67 -17.23
C LYS A 283 9.38 -5.14 -16.42
N VAL A 284 9.47 -5.39 -15.10
CA VAL A 284 8.48 -5.06 -14.08
C VAL A 284 9.21 -4.68 -12.81
N GLN A 285 8.45 -4.04 -11.93
CA GLN A 285 8.99 -3.65 -10.66
C GLN A 285 8.02 -4.08 -9.59
N LEU A 286 8.62 -4.61 -8.55
CA LEU A 286 7.88 -5.09 -7.41
C LEU A 286 7.71 -4.00 -6.35
N ALA A 287 6.50 -3.84 -5.84
CA ALA A 287 6.25 -2.83 -4.84
C ALA A 287 5.34 -3.36 -3.74
N ILE A 288 5.26 -2.64 -2.62
CA ILE A 288 4.40 -3.00 -1.51
C ILE A 288 3.71 -1.70 -1.09
N LYS A 289 2.60 -1.77 -0.38
CA LYS A 289 1.91 -0.57 0.05
C LYS A 289 2.06 -0.55 1.56
N ILE A 290 2.41 0.63 2.06
CA ILE A 290 2.60 0.85 3.47
C ILE A 290 1.52 1.85 3.80
N ALA A 291 0.80 1.54 4.88
CA ALA A 291 -0.27 2.43 5.30
C ALA A 291 0.29 3.76 5.78
N GLY A 292 -0.63 4.71 5.90
CA GLY A 292 -0.36 6.07 6.35
C GLY A 292 -1.24 6.28 7.56
N VAL A 293 -0.69 5.84 8.67
CA VAL A 293 -1.38 5.92 9.92
C VAL A 293 -0.96 7.22 10.62
N HIS A 294 -1.43 8.38 10.12
CA HIS A 294 -1.13 9.69 10.67
C HIS A 294 -1.74 10.12 12.03
N TRP A 295 -2.87 9.56 12.51
CA TRP A 295 -3.44 9.98 13.80
C TRP A 295 -2.49 9.52 14.87
N TRP A 296 -2.39 10.32 15.92
CA TRP A 296 -1.52 10.15 17.08
C TRP A 296 -0.05 10.24 16.68
N TYR A 297 0.27 10.86 15.52
CA TYR A 297 1.65 10.99 15.10
C TYR A 297 2.29 12.01 16.02
N LYS A 298 1.70 13.22 16.19
CA LYS A 298 2.25 14.28 17.07
C LYS A 298 2.47 13.90 18.55
N VAL A 299 1.92 12.78 19.07
CA VAL A 299 2.13 12.40 20.48
C VAL A 299 3.36 11.49 20.55
N PRO A 300 3.99 11.29 21.72
CA PRO A 300 5.16 10.45 21.90
C PRO A 300 5.03 9.00 21.59
N SER A 301 3.90 8.38 21.95
CA SER A 301 3.73 6.96 21.68
C SER A 301 3.44 6.53 20.26
N HIS A 302 2.90 7.43 19.42
CA HIS A 302 2.60 7.12 18.03
C HIS A 302 1.70 5.91 18.04
N ALA A 303 0.88 5.77 19.08
CA ALA A 303 -0.02 4.65 19.28
C ALA A 303 -0.58 3.92 18.06
N ALA A 304 -1.33 4.61 17.20
CA ALA A 304 -1.91 4.00 16.00
C ALA A 304 -0.96 3.31 15.03
N GLU A 305 0.26 3.80 15.02
CA GLU A 305 1.27 3.26 14.21
C GLU A 305 1.73 2.00 14.92
N LEU A 306 2.00 2.05 16.23
CA LEU A 306 2.47 0.88 16.95
C LEU A 306 1.49 -0.24 16.88
N THR A 307 0.19 0.02 16.99
CA THR A 307 -0.78 -1.08 16.89
C THR A 307 -0.86 -1.61 15.46
N ALA A 308 -0.71 -0.74 14.47
CA ALA A 308 -0.77 -1.16 13.07
C ALA A 308 0.44 -2.00 12.64
N GLY A 309 1.47 -2.10 13.48
CA GLY A 309 2.63 -2.88 13.10
C GLY A 309 3.86 -2.05 12.82
N TYR A 310 3.75 -0.74 12.51
CA TYR A 310 4.89 0.15 12.28
C TYR A 310 5.43 0.68 13.62
N TYR A 311 6.57 0.15 14.12
CA TYR A 311 7.14 0.59 15.40
C TYR A 311 7.98 1.81 15.13
N ASN A 312 7.26 2.92 15.11
CA ASN A 312 7.85 4.22 14.86
C ASN A 312 7.70 5.14 16.05
N LEU A 313 8.82 5.80 16.37
CA LEU A 313 8.90 6.74 17.47
C LEU A 313 9.79 7.90 17.02
N HIS A 314 10.01 8.83 17.94
CA HIS A 314 10.86 9.99 17.69
C HIS A 314 12.32 9.54 17.58
N ASP A 315 12.71 8.54 18.38
CA ASP A 315 14.05 8.03 18.36
C ASP A 315 14.23 6.72 17.60
N ARG A 316 13.17 6.17 17.00
CA ARG A 316 13.19 4.92 16.26
C ARG A 316 12.47 4.98 14.93
N ASP A 317 13.16 4.99 13.79
CA ASP A 317 12.52 5.06 12.49
C ASP A 317 11.90 3.73 12.12
N GLY A 318 10.58 3.62 12.15
CA GLY A 318 9.94 2.36 11.83
C GLY A 318 9.60 2.17 10.38
N TYR A 319 9.97 3.11 9.55
CA TYR A 319 9.72 2.98 8.14
C TYR A 319 11.00 2.81 7.37
N ARG A 320 12.16 2.96 8.03
CA ARG A 320 13.44 2.77 7.36
C ARG A 320 13.82 1.33 7.65
N THR A 321 13.27 0.69 8.69
CA THR A 321 13.57 -0.71 8.93
C THR A 321 12.92 -1.47 7.78
N ILE A 322 11.64 -1.17 7.50
CA ILE A 322 10.88 -1.80 6.40
C ILE A 322 11.64 -1.62 5.08
N ALA A 323 11.99 -0.41 4.66
CA ALA A 323 12.72 -0.17 3.41
C ALA A 323 14.07 -0.88 3.25
N ARG A 324 14.67 -1.26 4.38
CA ARG A 324 15.95 -1.93 4.40
C ARG A 324 15.69 -3.38 4.04
N MET A 325 14.52 -3.88 4.43
CA MET A 325 14.18 -5.24 4.08
C MET A 325 13.83 -5.29 2.58
N LEU A 326 13.28 -4.21 2.01
CA LEU A 326 12.91 -4.14 0.59
C LEU A 326 14.09 -4.03 -0.36
N LYS A 327 15.20 -3.54 0.17
CA LYS A 327 16.43 -3.30 -0.54
C LYS A 327 17.01 -4.46 -1.31
N ARG A 328 17.06 -5.69 -0.76
CA ARG A 328 17.63 -6.83 -1.49
C ARG A 328 16.84 -7.17 -2.75
N HIS A 329 15.52 -7.14 -2.53
CA HIS A 329 14.51 -7.45 -3.53
C HIS A 329 14.35 -6.41 -4.61
N ARG A 330 15.06 -5.29 -4.49
CA ARG A 330 14.99 -4.19 -5.47
C ARG A 330 13.55 -3.68 -5.59
N ALA A 331 12.87 -3.82 -4.41
CA ALA A 331 11.51 -3.41 -4.29
C ALA A 331 11.44 -1.92 -3.99
N SER A 332 10.23 -1.41 -4.08
CA SER A 332 10.02 -0.02 -3.86
C SER A 332 8.87 0.17 -2.89
N ILE A 333 8.77 1.37 -2.29
CA ILE A 333 7.67 1.65 -1.38
C ILE A 333 6.59 2.42 -2.09
N ASN A 334 5.37 2.02 -1.77
CA ASN A 334 4.22 2.72 -2.29
C ASN A 334 3.47 3.24 -1.07
N PHE A 335 3.77 4.50 -0.73
CA PHE A 335 3.12 5.12 0.39
C PHE A 335 1.79 5.79 -0.03
N THR A 336 0.80 5.79 0.88
CA THR A 336 -0.55 6.33 0.64
C THR A 336 -1.10 7.65 1.23
N CYS A 337 -0.36 8.62 1.78
CA CYS A 337 -0.98 9.80 2.33
C CYS A 337 -0.70 11.14 1.68
N ALA A 338 -0.01 11.07 0.55
CA ALA A 338 0.37 12.25 -0.20
C ALA A 338 -0.52 13.47 -0.31
N GLU A 339 -1.86 13.38 -0.39
CA GLU A 339 -2.67 14.57 -0.55
C GLU A 339 -2.99 15.36 0.70
N MET A 340 -2.85 14.76 1.86
CA MET A 340 -3.15 15.48 3.08
C MET A 340 -2.16 16.54 3.50
N ARG A 341 -2.76 17.38 4.32
CA ARG A 341 -2.06 18.49 4.92
C ARG A 341 -2.52 18.55 6.33
N ASP A 342 -1.57 18.71 7.25
CA ASP A 342 -1.88 18.74 8.65
C ASP A 342 -3.07 19.62 9.03
N SER A 343 -3.19 20.72 8.28
CA SER A 343 -4.25 21.69 8.42
C SER A 343 -5.64 21.08 8.44
N GLU A 344 -5.92 20.14 7.51
CA GLU A 344 -7.23 19.50 7.38
C GLU A 344 -7.63 18.37 8.30
N GLN A 345 -6.75 17.89 9.16
CA GLN A 345 -7.11 16.80 10.05
C GLN A 345 -7.65 17.35 11.35
N PRO A 346 -8.77 16.84 11.88
CA PRO A 346 -9.26 17.14 13.22
C PRO A 346 -8.18 17.31 14.27
N PRO A 347 -8.20 18.38 15.06
CA PRO A 347 -7.10 18.74 15.93
C PRO A 347 -6.88 17.73 17.05
N ASP A 348 -7.87 16.90 17.38
CA ASP A 348 -7.71 15.93 18.47
C ASP A 348 -7.18 14.58 18.04
N ALA A 349 -7.06 14.46 16.73
CA ALA A 349 -6.53 13.26 16.14
C ALA A 349 -5.07 13.10 16.54
N MET A 350 -4.41 14.27 16.54
CA MET A 350 -2.98 14.48 16.84
C MET A 350 -2.27 13.86 15.69
N SER A 351 -2.84 14.23 14.55
CA SER A 351 -2.43 13.77 13.26
C SER A 351 -1.40 14.59 12.55
N ALA A 352 -0.39 13.91 11.99
CA ALA A 352 0.64 14.65 11.24
C ALA A 352 1.02 14.03 9.89
N PRO A 353 0.08 14.08 8.94
CA PRO A 353 0.22 13.68 7.54
C PRO A 353 1.48 14.10 6.84
N GLU A 354 1.72 15.41 6.82
CA GLU A 354 2.89 15.95 6.15
C GLU A 354 4.18 15.38 6.69
N GLU A 355 4.18 15.19 8.01
CA GLU A 355 5.37 14.68 8.66
C GLU A 355 5.58 13.21 8.48
N LEU A 356 4.52 12.47 8.13
CA LEU A 356 4.63 11.04 7.90
C LEU A 356 5.12 10.82 6.47
N VAL A 357 4.64 11.64 5.54
CA VAL A 357 5.05 11.56 4.15
C VAL A 357 6.55 11.84 4.14
N GLN A 358 7.02 12.87 4.85
CA GLN A 358 8.43 13.21 4.88
C GLN A 358 9.29 12.13 5.50
N GLN A 359 8.76 11.40 6.48
CA GLN A 359 9.54 10.35 7.14
C GLN A 359 9.74 9.15 6.25
N VAL A 360 8.62 8.64 5.73
CA VAL A 360 8.63 7.47 4.88
C VAL A 360 9.36 7.73 3.56
N LEU A 361 9.06 8.81 2.82
CA LEU A 361 9.77 9.07 1.56
C LEU A 361 11.24 9.28 1.83
N SER A 362 11.63 9.79 3.02
CA SER A 362 13.03 10.00 3.32
C SER A 362 13.71 8.69 3.69
N ALA A 363 13.03 7.77 4.39
CA ALA A 363 13.62 6.50 4.77
C ALA A 363 13.89 5.71 3.51
N GLY A 364 12.90 5.75 2.61
CA GLY A 364 12.93 5.06 1.33
C GLY A 364 14.05 5.61 0.47
N TRP A 365 14.11 6.93 0.24
CA TRP A 365 15.16 7.54 -0.58
C TRP A 365 16.55 7.29 -0.04
N ARG A 366 16.62 7.09 1.29
CA ARG A 366 17.87 6.82 1.99
C ARG A 366 18.26 5.42 1.70
N GLU A 367 17.30 4.49 1.63
CA GLU A 367 17.60 3.11 1.32
C GLU A 367 17.76 2.86 -0.15
N GLY A 368 17.81 3.94 -0.92
CA GLY A 368 18.00 3.91 -2.34
C GLY A 368 16.81 3.40 -3.10
N LEU A 369 15.64 3.30 -2.46
CA LEU A 369 14.45 2.79 -3.11
C LEU A 369 13.68 3.86 -3.83
N ASN A 370 12.92 3.41 -4.85
CA ASN A 370 12.06 4.31 -5.60
C ASN A 370 10.84 4.26 -4.72
N VAL A 371 10.27 5.47 -4.63
CA VAL A 371 9.12 5.67 -3.80
C VAL A 371 8.06 6.22 -4.67
N SER A 372 6.82 5.84 -4.36
CA SER A 372 5.67 6.30 -5.11
C SER A 372 4.53 6.44 -4.14
N CYS A 373 3.66 7.34 -4.53
CA CYS A 373 2.54 7.60 -3.68
C CYS A 373 1.21 7.38 -4.28
N GLU A 374 0.23 7.56 -3.40
CA GLU A 374 -1.16 7.39 -3.75
C GLU A 374 -1.98 8.18 -2.76
N ASN A 375 -2.95 9.01 -3.12
CA ASN A 375 -3.70 9.69 -2.08
C ASN A 375 -4.55 8.66 -1.32
N ALA A 376 -4.81 8.95 -0.05
CA ALA A 376 -5.57 8.04 0.77
C ALA A 376 -7.07 8.22 0.68
N LEU A 377 -7.49 9.45 0.38
CA LEU A 377 -8.91 9.73 0.29
C LEU A 377 -9.38 10.39 -1.03
N PRO A 378 -10.68 10.27 -1.43
CA PRO A 378 -11.29 10.98 -2.57
C PRO A 378 -11.16 12.50 -2.49
N ARG A 379 -10.31 12.95 -3.42
CA ARG A 379 -10.01 14.35 -3.51
C ARG A 379 -9.97 14.92 -4.92
N TYR A 380 -10.75 15.97 -5.15
CA TYR A 380 -10.74 16.57 -6.49
C TYR A 380 -10.36 18.04 -6.46
N ASP A 381 -9.79 18.55 -5.36
CA ASP A 381 -9.42 19.96 -5.27
C ASP A 381 -7.99 20.29 -5.62
N PRO A 382 -7.66 21.47 -6.15
CA PRO A 382 -6.30 21.92 -6.46
C PRO A 382 -5.34 21.87 -5.29
N THR A 383 -5.91 22.03 -4.11
CA THR A 383 -5.17 21.98 -2.89
C THR A 383 -4.55 20.62 -2.78
N ALA A 384 -5.39 19.60 -3.05
CA ALA A 384 -4.96 18.21 -3.02
C ALA A 384 -3.90 18.03 -4.08
N TYR A 385 -4.14 18.55 -5.29
CA TYR A 385 -3.15 18.37 -6.33
C TYR A 385 -1.84 19.10 -6.09
N ASN A 386 -1.87 20.25 -5.40
CA ASN A 386 -0.66 21.02 -5.10
C ASN A 386 0.13 20.40 -3.98
N THR A 387 -0.58 19.79 -2.99
CA THR A 387 0.09 19.12 -1.89
C THR A 387 0.82 17.96 -2.54
N ILE A 388 0.13 17.19 -3.42
CA ILE A 388 0.68 16.03 -4.12
C ILE A 388 1.93 16.44 -4.87
N LEU A 389 1.83 17.52 -5.66
CA LEU A 389 2.95 18.03 -6.42
C LEU A 389 4.14 18.43 -5.59
N ARG A 390 3.83 18.88 -4.36
CA ARG A 390 4.82 19.30 -3.40
C ARG A 390 5.56 18.02 -3.07
N ASN A 391 4.83 16.99 -2.59
CA ASN A 391 5.38 15.69 -2.22
C ASN A 391 6.06 14.91 -3.32
N ALA A 392 5.73 15.23 -4.58
CA ALA A 392 6.30 14.56 -5.75
C ALA A 392 7.74 14.98 -6.00
N ARG A 393 7.90 16.29 -5.92
CA ARG A 393 9.18 16.93 -6.10
C ARG A 393 9.29 17.78 -4.86
N PRO A 394 9.90 17.28 -3.78
CA PRO A 394 9.91 17.92 -2.48
C PRO A 394 10.60 19.27 -2.66
N HIS A 395 11.74 19.16 -3.33
CA HIS A 395 12.61 20.26 -3.64
C HIS A 395 12.17 21.00 -4.93
N GLY A 396 11.10 20.55 -5.61
CA GLY A 396 10.64 21.21 -6.84
C GLY A 396 11.53 20.96 -8.07
N ILE A 397 11.08 21.57 -9.18
CA ILE A 397 11.72 21.52 -10.48
C ILE A 397 13.16 21.95 -10.44
N ASN A 398 13.95 21.14 -11.13
CA ASN A 398 15.38 21.34 -11.27
C ASN A 398 15.52 21.27 -12.76
N GLN A 399 15.27 22.40 -13.38
CA GLN A 399 15.36 22.53 -14.83
C GLN A 399 16.80 22.43 -15.34
N SER A 400 17.71 22.63 -14.41
CA SER A 400 19.14 22.58 -14.67
C SER A 400 19.67 21.13 -14.52
N GLY A 401 18.77 20.15 -14.20
CA GLY A 401 19.12 18.73 -14.04
C GLY A 401 17.90 17.75 -14.00
N PRO A 402 18.07 16.60 -13.34
CA PRO A 402 17.04 15.90 -12.54
C PRO A 402 17.10 16.17 -11.02
N PRO A 403 16.02 16.34 -10.23
CA PRO A 403 16.11 16.65 -8.83
C PRO A 403 16.62 15.48 -7.99
N GLU A 404 17.21 15.85 -6.84
CA GLU A 404 17.80 14.95 -5.82
C GLU A 404 16.93 13.73 -5.52
N HIS A 405 15.72 14.15 -5.14
CA HIS A 405 14.63 13.31 -4.76
C HIS A 405 13.43 13.70 -5.57
N LYS A 406 12.76 12.62 -5.97
CA LYS A 406 11.57 12.68 -6.79
C LYS A 406 10.80 11.38 -6.67
N LEU A 407 9.45 11.45 -6.73
CA LEU A 407 8.66 10.25 -6.65
C LEU A 407 8.78 9.52 -7.98
N PHE A 408 8.82 8.18 -7.97
CA PHE A 408 8.87 7.41 -9.19
C PHE A 408 7.58 7.71 -9.96
N GLY A 409 6.43 7.69 -9.23
CA GLY A 409 5.12 7.96 -9.80
C GLY A 409 3.97 8.05 -8.81
N PHE A 410 2.88 8.70 -9.21
CA PHE A 410 1.71 8.83 -8.35
C PHE A 410 0.55 8.03 -8.95
N THR A 411 -0.28 7.43 -8.10
CA THR A 411 -1.42 6.66 -8.56
C THR A 411 -2.63 7.21 -7.83
N TYR A 412 -3.42 8.01 -8.56
CA TYR A 412 -4.64 8.62 -8.02
C TYR A 412 -5.79 7.65 -7.75
N LEU A 413 -6.52 7.84 -6.64
CA LEU A 413 -7.68 7.03 -6.20
C LEU A 413 -8.88 7.97 -6.41
N ARG A 414 -9.92 7.73 -7.21
CA ARG A 414 -10.10 6.52 -8.02
C ARG A 414 -10.83 6.92 -9.31
N LEU A 415 -11.04 6.00 -10.28
CA LEU A 415 -11.73 6.29 -11.53
C LEU A 415 -13.18 6.18 -11.22
N SER A 416 -13.77 7.30 -11.61
CA SER A 416 -15.19 7.56 -11.46
C SER A 416 -15.63 8.47 -12.58
N ASN A 417 -16.94 8.53 -12.71
CA ASN A 417 -17.59 9.33 -13.72
C ASN A 417 -17.29 10.80 -13.51
N GLN A 418 -17.17 11.11 -12.21
CA GLN A 418 -16.89 12.45 -11.72
C GLN A 418 -15.51 12.97 -12.05
N LEU A 419 -14.53 12.06 -12.14
CA LEU A 419 -13.18 12.50 -12.42
C LEU A 419 -13.07 12.90 -13.87
N VAL A 420 -13.62 12.10 -14.77
CA VAL A 420 -13.51 12.44 -16.19
C VAL A 420 -14.49 13.47 -16.71
N GLU A 421 -15.38 13.95 -15.84
CA GLU A 421 -16.35 14.94 -16.23
C GLU A 421 -15.95 16.32 -15.71
N GLY A 422 -16.19 17.28 -16.63
CA GLY A 422 -15.97 18.73 -16.52
C GLY A 422 -14.83 19.42 -15.77
N GLN A 423 -15.25 20.08 -14.66
CA GLN A 423 -14.40 20.84 -13.76
C GLN A 423 -13.34 19.98 -13.13
N ASN A 424 -13.79 18.89 -12.54
CA ASN A 424 -12.88 17.95 -11.92
C ASN A 424 -11.92 17.39 -12.95
N TYR A 425 -12.41 17.34 -14.20
CA TYR A 425 -11.62 16.83 -15.29
C TYR A 425 -10.54 17.79 -15.69
N VAL A 426 -10.82 19.09 -15.84
CA VAL A 426 -9.78 20.04 -16.24
C VAL A 426 -8.76 20.31 -15.14
N ASN A 427 -9.15 20.02 -13.90
CA ASN A 427 -8.22 20.18 -12.80
C ASN A 427 -7.29 18.98 -12.86
N PHE A 428 -7.87 17.77 -12.96
CA PHE A 428 -7.07 16.58 -13.01
C PHE A 428 -6.08 16.63 -14.15
N LYS A 429 -6.53 17.12 -15.29
CA LYS A 429 -5.68 17.21 -16.44
C LYS A 429 -4.58 18.19 -16.13
N THR A 430 -4.89 19.40 -15.67
CA THR A 430 -3.78 20.32 -15.42
C THR A 430 -2.84 19.82 -14.33
N PHE A 431 -3.39 18.95 -13.45
CA PHE A 431 -2.62 18.35 -12.38
C PHE A 431 -1.63 17.41 -13.03
N VAL A 432 -2.11 16.60 -13.98
CA VAL A 432 -1.24 15.68 -14.65
C VAL A 432 -0.19 16.43 -15.41
N ASP A 433 -0.53 17.55 -16.06
CA ASP A 433 0.43 18.35 -16.82
C ASP A 433 1.64 18.71 -15.99
N ARG A 434 1.28 19.30 -14.86
CA ARG A 434 2.23 19.72 -13.88
C ARG A 434 3.02 18.54 -13.29
N MET A 435 2.43 17.36 -13.10
CA MET A 435 3.14 16.23 -12.55
C MET A 435 4.18 15.73 -13.55
N HIS A 436 3.98 16.05 -14.82
CA HIS A 436 4.89 15.69 -15.87
C HIS A 436 5.84 16.82 -16.11
N ALA A 437 5.86 17.88 -15.27
CA ALA A 437 6.71 19.07 -15.41
C ALA A 437 6.33 19.78 -16.71
N ASN A 438 5.01 19.76 -16.93
CA ASN A 438 4.36 20.30 -18.11
C ASN A 438 4.77 19.79 -19.51
N LEU A 439 5.61 18.76 -19.48
CA LEU A 439 6.05 18.13 -20.71
C LEU A 439 4.84 17.33 -21.17
N PRO A 440 4.78 16.95 -22.45
CA PRO A 440 3.78 16.03 -22.97
C PRO A 440 4.07 14.60 -22.51
N ARG A 441 3.01 13.80 -22.33
CA ARG A 441 3.12 12.43 -21.90
C ARG A 441 4.14 11.64 -22.69
N ASP A 442 5.03 10.96 -21.97
CA ASP A 442 6.06 10.16 -22.59
C ASP A 442 5.92 8.77 -22.03
N PRO A 443 5.76 7.76 -22.90
CA PRO A 443 5.63 6.37 -22.50
C PRO A 443 6.97 5.65 -22.43
N TYR A 444 7.95 6.16 -23.17
CA TYR A 444 9.26 5.56 -23.22
C TYR A 444 10.25 6.04 -22.15
N VAL A 445 9.62 6.56 -21.08
CA VAL A 445 10.20 7.11 -19.87
C VAL A 445 10.14 6.04 -18.80
N ASP A 446 11.16 6.11 -17.93
CA ASP A 446 11.37 5.18 -16.83
C ASP A 446 11.25 3.74 -17.32
N PRO A 447 11.99 3.33 -18.38
CA PRO A 447 12.03 1.96 -18.83
C PRO A 447 12.74 1.10 -17.80
N MET A 448 12.11 -0.02 -17.46
CA MET A 448 12.69 -0.92 -16.48
C MET A 448 13.57 -1.95 -17.11
N ALA A 449 14.34 -2.49 -16.19
CA ALA A 449 15.32 -3.49 -16.49
C ALA A 449 14.79 -4.79 -15.93
N PRO A 450 15.16 -5.90 -16.55
CA PRO A 450 14.66 -7.20 -16.20
C PRO A 450 15.05 -7.45 -14.75
N LEU A 451 13.96 -7.62 -14.00
CA LEU A 451 13.98 -7.85 -12.58
C LEU A 451 15.07 -8.86 -12.25
N PRO A 452 16.06 -8.39 -11.50
CA PRO A 452 17.13 -9.17 -10.93
C PRO A 452 16.67 -10.08 -9.81
N ARG A 453 17.56 -10.91 -9.27
CA ARG A 453 17.14 -11.76 -8.19
C ARG A 453 17.44 -11.07 -6.87
N SER A 454 16.59 -11.40 -5.89
CA SER A 454 16.74 -10.86 -4.57
C SER A 454 18.10 -11.23 -4.01
N GLY A 455 18.79 -10.22 -3.51
CA GLY A 455 20.11 -10.41 -2.93
C GLY A 455 20.08 -11.19 -1.60
N PRO A 456 21.27 -11.46 -1.02
CA PRO A 456 21.44 -12.39 0.09
C PRO A 456 20.48 -12.11 1.22
N GLU A 457 19.83 -13.11 1.83
CA GLU A 457 18.91 -12.88 2.92
C GLU A 457 19.70 -12.28 4.08
N ILE A 458 19.19 -11.22 4.75
CA ILE A 458 19.90 -10.59 5.86
C ILE A 458 19.03 -10.72 7.10
N SER A 459 19.59 -11.10 8.27
CA SER A 459 18.84 -11.30 9.52
C SER A 459 17.95 -10.16 10.02
N ILE A 460 17.15 -10.39 11.09
CA ILE A 460 16.26 -9.33 11.58
C ILE A 460 17.04 -8.23 12.21
N GLU A 461 18.05 -8.67 12.94
CA GLU A 461 18.92 -7.74 13.63
C GLU A 461 19.67 -6.88 12.62
N MET A 462 19.95 -7.35 11.39
CA MET A 462 20.65 -6.54 10.39
C MET A 462 19.74 -5.54 9.72
N ILE A 463 18.43 -5.81 9.64
CA ILE A 463 17.57 -4.83 9.01
C ILE A 463 17.19 -3.81 10.11
N LEU A 464 17.18 -4.26 11.36
CA LEU A 464 16.82 -3.43 12.48
C LEU A 464 17.83 -2.35 12.86
N GLN A 465 18.99 -2.28 12.22
CA GLN A 465 19.94 -1.26 12.57
C GLN A 465 19.78 0.00 11.75
N ALA A 466 18.62 0.14 11.15
CA ALA A 466 18.34 1.32 10.36
C ALA A 466 17.37 2.22 11.09
N ALA A 467 16.86 1.66 12.17
CA ALA A 467 15.91 2.31 13.03
C ALA A 467 16.48 3.41 13.88
N GLN A 468 17.69 3.09 14.34
CA GLN A 468 18.48 3.93 15.19
C GLN A 468 19.58 4.51 14.35
N PRO A 469 19.96 5.79 14.40
CA PRO A 469 19.25 6.86 15.07
C PRO A 469 18.28 7.38 14.06
N LYS A 470 17.11 7.92 14.43
CA LYS A 470 16.24 8.42 13.38
C LYS A 470 16.96 9.63 12.79
N ILE A 471 17.09 9.67 11.46
CA ILE A 471 17.76 10.79 10.80
C ILE A 471 16.72 11.89 10.57
N GLN A 472 17.20 13.09 10.21
CA GLN A 472 16.35 14.23 9.93
C GLN A 472 15.79 14.00 8.51
N PRO A 473 14.56 14.42 8.22
CA PRO A 473 13.98 14.45 6.89
C PRO A 473 14.78 15.18 5.83
N PHE A 474 14.39 15.00 4.57
CA PHE A 474 15.05 15.72 3.50
C PHE A 474 14.22 17.00 3.46
N PRO A 475 14.85 18.17 3.53
CA PRO A 475 14.18 19.47 3.48
C PRO A 475 13.05 19.49 2.48
N PHE A 476 11.81 19.58 2.92
CA PHE A 476 10.70 19.59 1.96
C PHE A 476 10.27 21.01 1.62
N GLN A 477 10.12 21.53 0.37
CA GLN A 477 9.65 22.90 0.15
C GLN A 477 8.27 22.94 0.78
N GLU A 478 7.71 24.07 1.13
CA GLU A 478 6.41 24.06 1.80
C GLU A 478 5.19 24.02 0.87
N HIS A 479 5.42 24.46 -0.37
CA HIS A 479 4.40 24.51 -1.41
C HIS A 479 5.08 24.10 -2.71
N THR A 480 4.37 23.62 -3.75
CA THR A 480 5.09 23.27 -4.97
C THR A 480 5.37 24.50 -5.80
N ASP A 481 6.47 24.43 -6.54
CA ASP A 481 6.91 25.52 -7.39
C ASP A 481 6.30 25.53 -8.78
N LEU A 482 5.39 24.59 -8.98
CA LEU A 482 4.70 24.48 -10.23
C LEU A 482 3.28 24.10 -9.85
N PRO A 483 2.49 24.92 -9.19
CA PRO A 483 1.16 24.52 -8.77
C PRO A 483 0.22 24.40 -9.95
N VAL A 484 -1.06 24.11 -9.63
CA VAL A 484 -2.12 23.94 -10.63
C VAL A 484 -2.49 25.21 -11.39
N GLY A 485 -2.05 26.37 -10.90
CA GLY A 485 -2.37 27.61 -11.55
C GLY A 485 -3.68 27.99 -10.90
N PRO A 486 -4.82 27.84 -11.59
CA PRO A 486 -6.14 27.60 -10.97
C PRO A 486 -7.04 26.55 -11.66
N THR A 487 -8.24 26.97 -12.10
CA THR A 487 -9.20 26.13 -12.80
C THR A 487 -8.55 25.55 -14.06
N GLY A 488 -8.14 26.45 -14.98
CA GLY A 488 -7.49 26.08 -16.24
C GLY A 488 -5.96 25.95 -16.11
N GLY A 489 -5.23 25.72 -17.23
CA GLY A 489 -3.76 25.56 -17.19
C GLY A 489 -2.92 25.68 -18.49
N MET A 490 -3.23 24.95 -19.59
CA MET A 490 -2.45 25.01 -20.86
C MET A 490 -3.27 25.04 -22.16
N GLY A 491 -4.24 24.11 -22.30
CA GLY A 491 -5.12 24.01 -23.46
C GLY A 491 -6.41 24.82 -23.31
N GLY A 492 -6.84 25.05 -22.05
CA GLY A 492 -8.05 25.82 -21.72
C GLY A 492 -9.07 25.09 -20.88
N GLN A 493 -10.23 24.91 -21.54
CA GLN A 493 -11.40 24.22 -21.01
C GLN A 493 -11.82 23.16 -22.05
N ALA A 494 -11.75 21.90 -21.59
CA ALA A 494 -12.11 20.72 -22.38
C ALA A 494 -13.51 20.30 -21.99
N GLU A 495 -14.30 19.95 -23.00
CA GLU A 495 -15.68 19.54 -22.75
C GLU A 495 -16.07 18.25 -23.49
N GLY A 496 -16.37 17.15 -22.78
CA GLY A 496 -16.77 15.89 -23.46
C GLY A 496 -16.90 14.63 -22.58
N PRO A 497 -17.09 13.45 -23.24
CA PRO A 497 -18.16 12.45 -22.99
C PRO A 497 -18.64 12.07 -21.58
N THR A 498 -19.99 12.01 -21.47
CA THR A 498 -20.72 11.70 -20.22
C THR A 498 -20.68 10.25 -19.69
N CYS A 499 -21.66 9.33 -19.93
CA CYS A 499 -21.59 7.96 -19.41
C CYS A 499 -22.56 6.98 -20.05
N GLY A 500 -23.82 7.42 -20.24
CA GLY A 500 -24.87 6.59 -20.84
C GLY A 500 -25.48 5.57 -19.86
C2 BGC B . -6.79 3.63 0.82
C3 BGC B . -7.61 2.36 0.69
C4 BGC B . -6.94 1.48 -0.38
C5 BGC B . -5.46 1.18 0.00
C6 BGC B . -4.58 0.20 -0.78
C1 BGC B . -5.31 3.31 1.04
O1 BGC B . -4.62 4.52 1.05
O2 BGC B . -7.25 4.35 1.92
O3 BGC B . -8.97 2.65 0.39
O4 BGC B . -7.69 0.28 -0.37
O5 BGC B . -4.79 2.44 0.02
O6 BGC B . -4.21 0.62 -2.07
C1 GLC B . -8.71 0.13 -1.35
C2 GLC B . -9.42 -1.20 -1.02
C3 GLC B . -8.47 -2.34 -1.23
C4 GLC B . -7.90 -2.30 -2.65
C5 GLC B . -7.20 -0.97 -2.93
C6 GLC B . -6.56 -0.75 -4.30
O2 GLC B . -9.84 -1.20 0.34
O3 GLC B . -9.11 -3.53 -0.99
O4 GLC B . -6.96 -3.33 -2.74
O5 GLC B . -8.15 0.09 -2.68
O6 GLC B . -7.48 -0.35 -5.30
C2 BGC C . -9.28 8.74 7.95
C3 BGC C . -8.27 8.13 6.95
C4 BGC C . -8.14 6.57 7.14
C5 BGC C . -9.50 5.88 7.22
C6 BGC C . -9.40 4.39 7.58
C1 BGC C . -10.59 7.91 7.92
O1 BGC C . -11.61 8.41 8.77
O2 BGC C . -9.56 10.10 7.62
O3 BGC C . -6.99 8.72 7.10
O4 BGC C . -7.44 5.99 6.04
O5 BGC C . -10.31 6.53 8.22
O6 BGC C . -10.68 3.77 7.52
#